data_2GAL
#
_entry.id   2GAL
#
_cell.length_a   54.470
_cell.length_b   64.520
_cell.length_c   72.240
_cell.angle_alpha   90.00
_cell.angle_beta   90.00
_cell.angle_gamma   90.00
#
_symmetry.space_group_name_H-M   'P 21 21 21'
#
loop_
_entity.id
_entity.type
_entity.pdbx_description
1 polymer GALECTIN-7
2 non-polymer beta-D-galactopyranose
3 water water
#
_entity_poly.entity_id   1
_entity_poly.type   'polypeptide(L)'
_entity_poly.pdbx_seq_one_letter_code
;SNVPHKSSLPEGIRPGTVLRIRGLVPPNASRFHVNLLCGEEQGSDAALHFNPRLDTSEVVFNSKEQGSWGREERGPGVPF
QRGQPFEVLIIASDDGFKAVVGDAQYHHFRHRLPLARVRLVEVGGDVQLDSVRIF
;
_entity_poly.pdbx_strand_id   A,B
#
# COMPACT_ATOMS: atom_id res chain seq x y z
N VAL A 3 7.81 -7.19 -21.85
CA VAL A 3 6.56 -7.93 -21.53
C VAL A 3 5.41 -6.96 -21.29
N PRO A 4 4.38 -6.99 -22.17
CA PRO A 4 3.23 -6.11 -21.97
C PRO A 4 2.37 -6.80 -20.93
N HIS A 5 2.43 -6.34 -19.69
CA HIS A 5 1.65 -6.96 -18.61
C HIS A 5 0.26 -6.34 -18.47
N LYS A 6 -0.73 -7.19 -18.21
CA LYS A 6 -2.11 -6.76 -18.03
C LYS A 6 -2.76 -7.52 -16.87
N SER A 7 -3.38 -6.80 -15.94
CA SER A 7 -4.07 -7.43 -14.84
C SER A 7 -5.50 -6.95 -14.92
N SER A 8 -6.43 -7.89 -15.06
CA SER A 8 -7.84 -7.56 -15.17
C SER A 8 -8.47 -7.33 -13.81
N LEU A 9 -9.27 -6.27 -13.70
CA LEU A 9 -9.94 -5.93 -12.45
C LEU A 9 -11.42 -5.76 -12.74
N PRO A 10 -12.16 -6.89 -12.77
CA PRO A 10 -13.60 -6.93 -13.04
C PRO A 10 -14.43 -6.02 -12.14
N GLU A 11 -14.23 -6.16 -10.84
CA GLU A 11 -14.96 -5.36 -9.87
C GLU A 11 -14.43 -3.95 -9.66
N GLY A 12 -13.43 -3.56 -10.45
CA GLY A 12 -12.86 -2.24 -10.30
C GLY A 12 -12.03 -2.11 -9.03
N ILE A 13 -11.69 -0.88 -8.67
CA ILE A 13 -10.91 -0.65 -7.45
C ILE A 13 -11.59 0.42 -6.64
N ARG A 14 -11.23 0.50 -5.36
CA ARG A 14 -11.84 1.46 -4.47
C ARG A 14 -10.77 2.14 -3.64
N PRO A 15 -11.15 3.18 -2.90
CA PRO A 15 -10.15 3.85 -2.06
C PRO A 15 -9.59 2.80 -1.11
N GLY A 16 -8.27 2.71 -1.05
CA GLY A 16 -7.67 1.71 -0.18
C GLY A 16 -7.01 0.62 -0.99
N THR A 17 -7.12 0.70 -2.31
CA THR A 17 -6.50 -0.27 -3.20
C THR A 17 -5.05 0.17 -3.41
N VAL A 18 -4.13 -0.79 -3.36
CA VAL A 18 -2.70 -0.53 -3.54
C VAL A 18 -2.15 -1.40 -4.67
N LEU A 19 -1.51 -0.75 -5.65
CA LEU A 19 -0.88 -1.46 -6.76
C LEU A 19 0.59 -1.40 -6.40
N ARG A 20 1.26 -2.54 -6.30
CA ARG A 20 2.69 -2.53 -5.99
C ARG A 20 3.38 -3.10 -7.21
N ILE A 21 4.33 -2.35 -7.77
CA ILE A 21 5.01 -2.82 -8.95
C ILE A 21 6.50 -2.84 -8.67
N ARG A 22 7.12 -3.98 -8.94
CA ARG A 22 8.56 -4.10 -8.71
C ARG A 22 9.18 -4.50 -10.00
N GLY A 23 10.38 -4.02 -10.26
CA GLY A 23 11.03 -4.39 -11.48
C GLY A 23 12.40 -3.76 -11.60
N LEU A 24 12.96 -3.89 -12.80
CA LEU A 24 14.27 -3.34 -13.08
C LEU A 24 14.20 -2.47 -14.31
N VAL A 25 14.88 -1.33 -14.25
CA VAL A 25 14.98 -0.43 -15.41
C VAL A 25 16.25 -0.94 -16.12
N PRO A 26 16.10 -1.52 -17.30
CA PRO A 26 17.33 -2.00 -17.94
C PRO A 26 18.27 -0.90 -18.41
N PRO A 27 19.52 -1.29 -18.70
CA PRO A 27 20.47 -0.28 -19.17
C PRO A 27 19.92 0.22 -20.52
N ASN A 28 20.07 1.49 -20.84
CA ASN A 28 19.55 1.98 -22.12
C ASN A 28 18.02 2.03 -22.24
N ALA A 29 17.28 2.00 -21.14
CA ALA A 29 15.83 2.08 -21.23
C ALA A 29 15.48 3.52 -21.60
N SER A 30 14.46 3.73 -22.41
CA SER A 30 14.12 5.11 -22.71
C SER A 30 12.94 5.51 -21.83
N ARG A 31 11.89 4.69 -21.80
CA ARG A 31 10.74 5.03 -20.97
C ARG A 31 9.76 3.87 -20.84
N PHE A 32 8.91 3.92 -19.83
CA PHE A 32 7.91 2.88 -19.66
C PHE A 32 6.66 3.51 -19.11
N HIS A 33 5.61 2.72 -18.95
CA HIS A 33 4.35 3.26 -18.43
C HIS A 33 3.50 2.27 -17.67
N VAL A 34 2.62 2.82 -16.85
CA VAL A 34 1.65 2.06 -16.10
C VAL A 34 0.35 2.78 -16.41
N ASN A 35 -0.60 2.09 -17.04
CA ASN A 35 -1.91 2.65 -17.39
C ASN A 35 -3.05 1.99 -16.62
N LEU A 36 -3.97 2.81 -16.13
CA LEU A 36 -5.14 2.30 -15.45
C LEU A 36 -6.23 2.60 -16.46
N LEU A 37 -6.66 1.57 -17.19
CA LEU A 37 -7.66 1.74 -18.23
C LEU A 37 -9.06 1.34 -17.82
N CYS A 38 -10.04 1.92 -18.52
CA CYS A 38 -11.45 1.70 -18.24
C CYS A 38 -12.09 0.61 -19.06
N GLY A 39 -11.28 -0.16 -19.78
CA GLY A 39 -11.79 -1.23 -20.60
C GLY A 39 -10.64 -2.05 -21.14
N GLU A 40 -10.95 -3.14 -21.85
CA GLU A 40 -9.90 -4.00 -22.38
C GLU A 40 -9.64 -3.77 -23.87
N GLU A 41 -10.40 -2.88 -24.50
CA GLU A 41 -10.21 -2.62 -25.91
C GLU A 41 -9.29 -1.46 -26.23
N GLN A 42 -8.89 -1.38 -27.48
CA GLN A 42 -8.02 -0.33 -27.95
C GLN A 42 -8.76 0.99 -27.85
N GLY A 43 -8.05 2.02 -27.42
CA GLY A 43 -8.64 3.34 -27.32
C GLY A 43 -9.49 3.56 -26.09
N SER A 44 -9.45 2.63 -25.13
CA SER A 44 -10.21 2.75 -23.89
C SER A 44 -9.73 3.97 -23.09
N ASP A 45 -10.62 4.61 -22.37
CA ASP A 45 -10.23 5.75 -21.55
C ASP A 45 -9.16 5.34 -20.52
N ALA A 46 -8.28 6.26 -20.16
CA ALA A 46 -7.23 5.99 -19.20
C ALA A 46 -7.42 6.91 -18.03
N ALA A 47 -7.70 6.34 -16.87
CA ALA A 47 -7.91 7.12 -15.66
C ALA A 47 -6.56 7.64 -15.23
N LEU A 48 -5.52 6.88 -15.54
CA LEU A 48 -4.16 7.27 -15.19
C LEU A 48 -3.15 6.69 -16.14
N HIS A 49 -2.28 7.57 -16.62
CA HIS A 49 -1.19 7.22 -17.50
C HIS A 49 0.01 7.75 -16.67
N PHE A 50 0.86 6.83 -16.23
CA PHE A 50 2.03 7.12 -15.39
C PHE A 50 3.21 6.77 -16.28
N ASN A 51 3.93 7.80 -16.72
CA ASN A 51 4.98 7.61 -17.71
C ASN A 51 6.39 8.09 -17.36
N PRO A 52 7.16 7.27 -16.64
CA PRO A 52 8.54 7.71 -16.32
C PRO A 52 9.32 7.74 -17.63
N ARG A 53 10.01 8.84 -17.89
CA ARG A 53 10.82 8.97 -19.10
C ARG A 53 12.28 9.14 -18.71
N LEU A 54 13.06 8.07 -18.88
CA LEU A 54 14.48 8.13 -18.54
C LEU A 54 15.21 8.96 -19.60
N ASP A 55 14.74 8.95 -20.84
CA ASP A 55 15.42 9.70 -21.89
C ASP A 55 15.28 11.21 -21.77
N THR A 56 14.24 11.71 -21.10
CA THR A 56 14.09 13.16 -20.97
C THR A 56 14.14 13.56 -19.50
N SER A 57 14.38 12.57 -18.65
CA SER A 57 14.47 12.78 -17.21
C SER A 57 13.28 13.45 -16.54
N GLU A 58 12.09 12.90 -16.73
CA GLU A 58 10.92 13.43 -16.05
C GLU A 58 9.82 12.39 -16.02
N VAL A 59 8.84 12.57 -15.14
CA VAL A 59 7.72 11.65 -15.05
C VAL A 59 6.50 12.44 -15.41
N VAL A 60 5.71 11.92 -16.34
CA VAL A 60 4.51 12.57 -16.80
C VAL A 60 3.27 11.78 -16.37
N PHE A 61 2.27 12.49 -15.87
CA PHE A 61 1.00 11.90 -15.46
C PHE A 61 -0.07 12.54 -16.35
N ASN A 62 -1.01 11.74 -16.83
CA ASN A 62 -2.09 12.25 -17.67
C ASN A 62 -3.24 11.27 -17.66
N SER A 63 -4.33 11.68 -18.32
CA SER A 63 -5.54 10.86 -18.46
C SER A 63 -5.91 10.94 -19.96
N LYS A 64 -6.75 10.02 -20.43
CA LYS A 64 -7.18 10.00 -21.82
C LYS A 64 -8.68 9.72 -21.82
N GLU A 65 -9.42 10.59 -22.47
CA GLU A 65 -10.87 10.48 -22.52
C GLU A 65 -11.40 10.72 -23.92
N GLN A 66 -12.19 9.78 -24.44
CA GLN A 66 -12.77 9.93 -25.77
C GLN A 66 -11.67 10.02 -26.80
N GLY A 67 -10.58 9.32 -26.55
CA GLY A 67 -9.48 9.32 -27.49
C GLY A 67 -8.60 10.55 -27.44
N SER A 68 -8.85 11.45 -26.50
CA SER A 68 -8.02 12.64 -26.42
C SER A 68 -7.39 12.85 -25.03
N TRP A 69 -6.12 13.21 -25.02
CA TRP A 69 -5.34 13.42 -23.78
C TRP A 69 -5.68 14.71 -23.04
N GLY A 70 -5.54 14.68 -21.72
CA GLY A 70 -5.80 15.86 -20.91
C GLY A 70 -4.51 16.63 -20.78
N ARG A 71 -4.46 17.51 -19.80
CA ARG A 71 -3.25 18.29 -19.59
C ARG A 71 -2.29 17.49 -18.71
N GLU A 72 -1.03 17.38 -19.13
CA GLU A 72 -0.04 16.64 -18.37
C GLU A 72 0.36 17.27 -17.04
N GLU A 73 0.69 16.43 -16.06
CA GLU A 73 1.18 16.89 -14.76
C GLU A 73 2.57 16.28 -14.73
N ARG A 74 3.52 16.93 -14.05
CA ARG A 74 4.88 16.39 -13.97
C ARG A 74 5.32 16.32 -12.53
N GLY A 75 6.09 15.29 -12.20
CA GLY A 75 6.57 15.16 -10.84
C GLY A 75 7.95 15.78 -10.76
N PRO A 76 8.51 15.87 -9.55
CA PRO A 76 9.84 16.45 -9.35
C PRO A 76 10.98 15.51 -9.75
N GLY A 77 11.39 15.57 -11.02
CA GLY A 77 12.47 14.74 -11.50
C GLY A 77 12.11 13.27 -11.67
N VAL A 78 13.01 12.45 -12.23
CA VAL A 78 12.74 11.02 -12.41
C VAL A 78 13.38 10.22 -11.26
N PRO A 79 12.55 9.51 -10.49
CA PRO A 79 13.03 8.73 -9.37
C PRO A 79 13.43 7.29 -9.72
N PHE A 80 13.84 7.09 -10.97
CA PHE A 80 14.29 5.79 -11.48
C PHE A 80 15.65 6.00 -12.12
N GLN A 81 16.45 4.94 -12.18
CA GLN A 81 17.77 4.99 -12.78
C GLN A 81 18.00 3.74 -13.59
N ARG A 82 18.64 3.90 -14.73
CA ARG A 82 18.93 2.78 -15.57
C ARG A 82 19.91 1.87 -14.81
N GLY A 83 19.66 0.56 -14.88
CA GLY A 83 20.51 -0.39 -14.19
C GLY A 83 20.15 -0.60 -12.73
N GLN A 84 19.04 -0.03 -12.27
CA GLN A 84 18.64 -0.16 -10.86
C GLN A 84 17.20 -0.68 -10.68
N PRO A 85 16.97 -1.51 -9.64
CA PRO A 85 15.61 -2.02 -9.41
C PRO A 85 14.79 -0.91 -8.75
N PHE A 86 13.49 -1.09 -8.69
CA PHE A 86 12.64 -0.08 -8.08
C PHE A 86 11.39 -0.73 -7.53
N GLU A 87 10.66 0.02 -6.70
CA GLU A 87 9.42 -0.46 -6.17
C GLU A 87 8.48 0.73 -6.16
N VAL A 88 7.38 0.61 -6.87
CA VAL A 88 6.40 1.67 -6.96
C VAL A 88 5.09 1.24 -6.32
N LEU A 89 4.50 2.13 -5.52
CA LEU A 89 3.20 1.88 -4.93
C LEU A 89 2.25 2.94 -5.50
N ILE A 90 1.18 2.51 -6.14
CA ILE A 90 0.19 3.46 -6.65
C ILE A 90 -1.01 3.18 -5.76
N ILE A 91 -1.33 4.14 -4.90
CA ILE A 91 -2.40 3.99 -3.92
C ILE A 91 -3.61 4.82 -4.25
N ALA A 92 -4.76 4.18 -4.34
CA ALA A 92 -6.02 4.86 -4.62
C ALA A 92 -6.63 5.40 -3.34
N SER A 93 -6.95 6.69 -3.34
CA SER A 93 -7.55 7.35 -2.19
C SER A 93 -8.85 7.93 -2.70
N ASP A 94 -9.56 8.63 -1.84
CA ASP A 94 -10.82 9.25 -2.22
C ASP A 94 -10.58 10.38 -3.20
N ASP A 95 -9.52 11.15 -3.02
CA ASP A 95 -9.28 12.29 -3.90
C ASP A 95 -8.28 12.10 -5.03
N GLY A 96 -7.49 11.03 -4.99
CA GLY A 96 -6.55 10.81 -6.07
C GLY A 96 -5.67 9.59 -5.94
N PHE A 97 -4.62 9.53 -6.75
CA PHE A 97 -3.71 8.40 -6.68
C PHE A 97 -2.43 8.93 -6.13
N LYS A 98 -1.91 8.28 -5.09
CA LYS A 98 -0.62 8.70 -4.55
C LYS A 98 0.40 7.77 -5.16
N ALA A 99 1.47 8.34 -5.69
CA ALA A 99 2.53 7.57 -6.28
C ALA A 99 3.69 7.62 -5.30
N VAL A 100 4.08 6.45 -4.79
CA VAL A 100 5.19 6.35 -3.84
C VAL A 100 6.30 5.57 -4.55
N VAL A 101 7.50 6.14 -4.61
CA VAL A 101 8.60 5.43 -5.25
C VAL A 101 9.66 5.23 -4.18
N GLY A 102 9.99 3.96 -3.93
CA GLY A 102 10.98 3.62 -2.92
C GLY A 102 11.10 4.44 -1.66
N ASP A 103 10.16 4.31 -0.73
CA ASP A 103 10.23 5.04 0.55
C ASP A 103 9.75 6.48 0.65
N ALA A 104 9.35 7.09 -0.46
CA ALA A 104 8.87 8.46 -0.37
C ALA A 104 7.75 8.76 -1.34
N GLN A 105 6.82 9.58 -0.87
CA GLN A 105 5.70 10.01 -1.69
C GLN A 105 6.36 10.83 -2.80
N TYR A 106 6.04 10.50 -4.04
CA TYR A 106 6.61 11.20 -5.18
C TYR A 106 5.65 12.23 -5.78
N HIS A 107 4.37 11.88 -5.90
CA HIS A 107 3.39 12.79 -6.51
C HIS A 107 1.96 12.35 -6.19
N HIS A 108 1.02 13.30 -6.21
CA HIS A 108 -0.39 13.01 -5.97
C HIS A 108 -1.16 13.49 -7.20
N PHE A 109 -1.87 12.58 -7.85
CA PHE A 109 -2.63 12.86 -9.06
C PHE A 109 -4.10 12.78 -8.74
N ARG A 110 -4.72 13.94 -8.66
CA ARG A 110 -6.14 14.03 -8.36
C ARG A 110 -6.98 13.32 -9.44
N HIS A 111 -8.04 12.64 -9.01
CA HIS A 111 -8.88 11.90 -9.94
C HIS A 111 -9.51 12.77 -11.02
N ARG A 112 -9.55 12.26 -12.24
CA ARG A 112 -10.16 12.96 -13.36
C ARG A 112 -11.35 12.15 -13.87
N LEU A 113 -11.26 10.83 -13.74
CA LEU A 113 -12.35 9.92 -14.16
C LEU A 113 -12.76 9.20 -12.89
N PRO A 114 -13.97 8.66 -12.88
CA PRO A 114 -14.44 7.94 -11.69
C PRO A 114 -13.60 6.67 -11.44
N LEU A 115 -13.14 6.52 -10.19
CA LEU A 115 -12.35 5.38 -9.78
C LEU A 115 -13.06 4.08 -10.17
N ALA A 116 -14.39 4.10 -10.05
CA ALA A 116 -15.24 2.93 -10.33
C ALA A 116 -15.17 2.41 -11.75
N ARG A 117 -14.74 3.25 -12.68
CA ARG A 117 -14.66 2.83 -14.07
C ARG A 117 -13.38 2.11 -14.47
N VAL A 118 -12.40 2.05 -13.57
CA VAL A 118 -11.13 1.37 -13.87
C VAL A 118 -11.33 -0.15 -13.90
N ARG A 119 -10.96 -0.79 -15.01
CA ARG A 119 -11.14 -2.23 -15.16
C ARG A 119 -9.86 -2.99 -15.51
N LEU A 120 -8.79 -2.27 -15.83
CA LEU A 120 -7.56 -2.95 -16.21
C LEU A 120 -6.30 -2.16 -15.91
N VAL A 121 -5.23 -2.88 -15.55
CA VAL A 121 -3.93 -2.29 -15.28
C VAL A 121 -3.01 -2.87 -16.33
N GLU A 122 -2.27 -2.01 -17.01
CA GLU A 122 -1.34 -2.43 -18.03
C GLU A 122 0.01 -1.80 -17.73
N VAL A 123 1.11 -2.55 -17.90
CA VAL A 123 2.46 -2.02 -17.66
C VAL A 123 3.20 -2.38 -18.95
N GLY A 124 3.91 -1.43 -19.54
CA GLY A 124 4.61 -1.74 -20.77
C GLY A 124 5.80 -0.84 -20.95
N GLY A 125 6.49 -0.96 -22.06
CA GLY A 125 7.64 -0.11 -22.28
C GLY A 125 8.96 -0.76 -21.93
N ASP A 126 10.00 0.06 -21.73
CA ASP A 126 11.35 -0.43 -21.43
C ASP A 126 11.52 -0.73 -19.97
N VAL A 127 10.95 -1.82 -19.50
CA VAL A 127 11.07 -2.18 -18.10
C VAL A 127 11.08 -3.71 -18.00
N GLN A 128 11.79 -4.26 -17.03
CA GLN A 128 11.81 -5.71 -16.88
C GLN A 128 11.15 -5.94 -15.53
N LEU A 129 9.91 -6.35 -15.60
CA LEU A 129 9.06 -6.55 -14.45
C LEU A 129 9.42 -7.74 -13.57
N ASP A 130 9.42 -7.52 -12.26
CA ASP A 130 9.66 -8.58 -11.30
C ASP A 130 8.22 -9.07 -10.96
N SER A 131 7.38 -8.17 -10.47
CA SER A 131 5.98 -8.51 -10.15
C SER A 131 5.06 -7.29 -10.08
N VAL A 132 3.77 -7.57 -10.29
CA VAL A 132 2.72 -6.57 -10.19
C VAL A 132 1.67 -7.23 -9.26
N ARG A 133 1.44 -6.63 -8.10
CA ARG A 133 0.47 -7.16 -7.15
C ARG A 133 -0.55 -6.06 -6.80
N ILE A 134 -1.81 -6.46 -6.65
CA ILE A 134 -2.89 -5.54 -6.29
C ILE A 134 -3.50 -5.97 -4.97
N PHE A 135 -3.45 -5.08 -3.98
CA PHE A 135 -3.99 -5.36 -2.67
C PHE A 135 -5.18 -4.45 -2.38
N PRO B 4 9.44 0.66 22.82
CA PRO B 4 7.99 0.57 22.46
C PRO B 4 7.64 1.63 21.43
N HIS B 5 8.26 1.55 20.26
CA HIS B 5 8.05 2.51 19.17
C HIS B 5 6.65 3.11 18.97
N LYS B 6 6.56 4.44 19.05
CA LYS B 6 5.30 5.16 18.84
C LYS B 6 5.45 6.19 17.73
N SER B 7 4.52 6.17 16.78
CA SER B 7 4.51 7.12 15.67
C SER B 7 3.15 7.79 15.77
N SER B 8 3.15 9.10 15.94
CA SER B 8 1.91 9.83 16.07
C SER B 8 1.31 10.23 14.71
N LEU B 9 -0.02 10.24 14.64
CA LEU B 9 -0.70 10.62 13.42
C LEU B 9 -1.65 11.80 13.68
N PRO B 10 -1.10 13.02 13.79
CA PRO B 10 -2.05 14.10 14.04
C PRO B 10 -2.78 14.29 12.70
N GLU B 11 -4.11 14.28 12.74
CA GLU B 11 -4.97 14.38 11.56
C GLU B 11 -5.21 12.97 11.02
N GLY B 12 -5.22 12.04 11.98
CA GLY B 12 -5.46 10.63 11.76
C GLY B 12 -5.14 10.03 10.41
N ILE B 13 -5.91 8.98 10.08
CA ILE B 13 -5.73 8.30 8.82
C ILE B 13 -7.07 8.14 8.14
N ARG B 14 -7.03 7.93 6.83
CA ARG B 14 -8.25 7.78 6.05
C ARG B 14 -8.08 6.70 5.00
N PRO B 15 -9.16 6.39 4.27
CA PRO B 15 -9.01 5.36 3.25
C PRO B 15 -7.83 5.71 2.33
N GLY B 16 -6.92 4.78 2.14
CA GLY B 16 -5.78 5.07 1.30
C GLY B 16 -4.53 5.31 2.12
N THR B 17 -4.64 5.29 3.45
CA THR B 17 -3.45 5.46 4.25
C THR B 17 -2.80 4.08 4.29
N VAL B 18 -1.48 4.03 4.08
CA VAL B 18 -0.77 2.77 4.10
C VAL B 18 0.33 2.81 5.14
N LEU B 19 0.37 1.78 5.97
CA LEU B 19 1.37 1.64 7.01
C LEU B 19 2.36 0.57 6.55
N ARG B 20 3.64 0.90 6.44
CA ARG B 20 4.62 -0.09 6.03
C ARG B 20 5.61 -0.33 7.18
N ILE B 21 5.65 -1.59 7.63
CA ILE B 21 6.52 -1.95 8.73
C ILE B 21 7.51 -3.01 8.27
N ARG B 22 8.79 -2.76 8.55
CA ARG B 22 9.84 -3.68 8.18
C ARG B 22 10.67 -4.00 9.42
N GLY B 23 11.03 -5.27 9.57
CA GLY B 23 11.82 -5.68 10.70
C GLY B 23 12.16 -7.15 10.68
N LEU B 24 12.69 -7.65 11.79
CA LEU B 24 13.04 -9.06 11.88
C LEU B 24 12.46 -9.66 13.15
N VAL B 25 12.04 -10.90 13.05
CA VAL B 25 11.50 -11.60 14.22
C VAL B 25 12.69 -12.25 14.93
N PRO B 26 13.09 -11.73 16.10
CA PRO B 26 14.22 -12.32 16.82
C PRO B 26 14.10 -13.84 16.87
N PRO B 27 15.24 -14.55 16.91
CA PRO B 27 15.30 -16.03 16.97
C PRO B 27 14.49 -16.70 18.07
N ASN B 28 14.38 -16.04 19.22
CA ASN B 28 13.61 -16.59 20.34
C ASN B 28 12.41 -15.70 20.64
N ALA B 29 11.74 -15.26 19.58
CA ALA B 29 10.57 -14.39 19.71
C ALA B 29 9.35 -15.14 20.21
N SER B 30 8.61 -14.50 21.10
CA SER B 30 7.40 -15.11 21.60
C SER B 30 6.24 -14.52 20.77
N ARG B 31 6.13 -13.19 20.80
CA ARG B 31 5.07 -12.47 20.08
C ARG B 31 5.31 -10.97 20.06
N PHE B 32 4.72 -10.28 19.10
CA PHE B 32 4.86 -8.82 19.06
C PHE B 32 3.55 -8.26 18.57
N HIS B 33 3.40 -6.95 18.60
CA HIS B 33 2.13 -6.40 18.17
C HIS B 33 2.24 -5.01 17.53
N VAL B 34 1.22 -4.66 16.74
CA VAL B 34 1.10 -3.36 16.10
C VAL B 34 -0.27 -2.87 16.57
N ASN B 35 -0.30 -1.74 17.26
CA ASN B 35 -1.56 -1.17 17.75
C ASN B 35 -1.88 0.17 17.07
N LEU B 36 -3.16 0.40 16.76
CA LEU B 36 -3.63 1.67 16.19
C LEU B 36 -4.56 2.16 17.29
N LEU B 37 -4.08 3.13 18.08
CA LEU B 37 -4.83 3.64 19.21
C LEU B 37 -5.49 4.99 18.99
N CYS B 38 -6.55 5.24 19.75
CA CYS B 38 -7.30 6.49 19.65
C CYS B 38 -6.89 7.51 20.69
N GLY B 39 -5.71 7.33 21.26
CA GLY B 39 -5.22 8.24 22.28
C GLY B 39 -3.83 7.88 22.79
N GLU B 40 -3.11 8.90 23.25
CA GLU B 40 -1.76 8.73 23.78
C GLU B 40 -1.76 8.11 25.17
N GLU B 41 -2.76 8.43 25.98
CA GLU B 41 -2.86 7.90 27.33
C GLU B 41 -2.89 6.37 27.31
N GLN B 42 -2.32 5.76 28.35
CA GLN B 42 -2.27 4.32 28.44
C GLN B 42 -3.67 3.78 28.62
N GLY B 43 -3.91 2.58 28.09
CA GLY B 43 -5.22 1.96 28.20
C GLY B 43 -6.22 2.52 27.20
N SER B 44 -5.74 3.39 26.33
CA SER B 44 -6.58 3.99 25.31
C SER B 44 -7.21 2.94 24.38
N ASP B 45 -8.34 3.30 23.76
CA ASP B 45 -9.06 2.42 22.85
C ASP B 45 -8.18 2.06 21.66
N ALA B 46 -8.34 0.84 21.16
CA ALA B 46 -7.55 0.39 20.02
C ALA B 46 -8.47 0.05 18.82
N ALA B 47 -8.31 0.78 17.71
CA ALA B 47 -9.10 0.51 16.51
C ALA B 47 -8.63 -0.80 15.90
N LEU B 48 -7.37 -1.14 16.15
CA LEU B 48 -6.82 -2.38 15.64
C LEU B 48 -5.63 -2.86 16.47
N HIS B 49 -5.63 -4.16 16.76
CA HIS B 49 -4.56 -4.82 17.51
C HIS B 49 -4.23 -6.04 16.64
N PHE B 50 -3.04 -5.99 16.03
CA PHE B 50 -2.50 -7.04 15.17
C PHE B 50 -1.44 -7.73 16.04
N ASN B 51 -1.66 -9.00 16.38
CA ASN B 51 -0.76 -9.67 17.29
C ASN B 51 -0.24 -11.06 16.91
N PRO B 52 0.85 -11.12 16.13
CA PRO B 52 1.42 -12.41 15.73
C PRO B 52 1.96 -13.08 17.01
N ARG B 53 1.58 -14.34 17.21
CA ARG B 53 1.98 -15.12 18.38
C ARG B 53 2.74 -16.36 17.88
N LEU B 54 4.08 -16.27 17.90
CA LEU B 54 4.95 -17.35 17.44
C LEU B 54 4.94 -18.51 18.42
N ASP B 55 4.79 -18.22 19.72
CA ASP B 55 4.74 -19.29 20.70
C ASP B 55 3.53 -20.22 20.47
N THR B 56 2.33 -19.64 20.37
CA THR B 56 1.11 -20.44 20.15
C THR B 56 0.70 -20.61 18.69
N SER B 57 1.55 -20.17 17.76
CA SER B 57 1.31 -20.26 16.31
C SER B 57 -0.06 -19.76 15.84
N GLU B 58 -0.30 -18.46 15.99
CA GLU B 58 -1.55 -17.86 15.58
C GLU B 58 -1.42 -16.35 15.52
N VAL B 59 -2.10 -15.72 14.57
CA VAL B 59 -2.08 -14.27 14.47
C VAL B 59 -3.47 -13.77 14.88
N VAL B 60 -3.50 -12.99 15.94
CA VAL B 60 -4.75 -12.49 16.49
C VAL B 60 -5.02 -11.03 16.15
N PHE B 61 -6.28 -10.75 15.82
CA PHE B 61 -6.72 -9.40 15.50
C PHE B 61 -7.80 -9.08 16.50
N ASN B 62 -7.83 -7.86 17.01
CA ASN B 62 -8.86 -7.47 17.97
C ASN B 62 -8.90 -5.95 18.07
N SER B 63 -9.91 -5.47 18.81
CA SER B 63 -10.08 -4.05 19.08
C SER B 63 -10.27 -3.95 20.61
N LYS B 64 -10.14 -2.74 21.15
CA LYS B 64 -10.33 -2.57 22.58
C LYS B 64 -11.16 -1.33 22.75
N GLU B 65 -12.31 -1.48 23.39
CA GLU B 65 -13.19 -0.36 23.60
C GLU B 65 -13.47 -0.25 25.08
N GLN B 66 -13.36 0.98 25.59
CA GLN B 66 -13.59 1.25 27.01
C GLN B 66 -12.90 0.25 27.93
N GLY B 67 -11.65 -0.08 27.62
CA GLY B 67 -10.92 -1.00 28.46
C GLY B 67 -11.07 -2.48 28.21
N SER B 68 -12.09 -2.92 27.49
CA SER B 68 -12.21 -4.36 27.27
C SER B 68 -11.98 -4.79 25.83
N TRP B 69 -11.30 -5.91 25.69
CA TRP B 69 -11.02 -6.47 24.39
C TRP B 69 -12.33 -6.89 23.74
N GLY B 70 -12.37 -6.87 22.40
CA GLY B 70 -13.58 -7.24 21.71
C GLY B 70 -13.48 -8.70 21.32
N ARG B 71 -14.20 -9.10 20.27
CA ARG B 71 -14.20 -10.48 19.80
C ARG B 71 -12.94 -10.71 18.96
N GLU B 72 -12.17 -11.72 19.33
CA GLU B 72 -10.93 -12.05 18.63
C GLU B 72 -11.17 -12.59 17.25
N GLU B 73 -10.29 -12.20 16.32
CA GLU B 73 -10.36 -12.71 14.96
C GLU B 73 -8.97 -13.27 14.69
N ARG B 74 -8.90 -14.35 13.93
CA ARG B 74 -7.62 -14.96 13.62
C ARG B 74 -7.41 -15.11 12.13
N GLY B 75 -6.17 -14.87 11.70
CA GLY B 75 -5.84 -15.02 10.30
C GLY B 75 -5.48 -16.48 10.06
N PRO B 76 -5.35 -16.90 8.81
CA PRO B 76 -5.01 -18.30 8.55
C PRO B 76 -3.54 -18.62 8.74
N GLY B 77 -3.20 -19.19 9.89
CA GLY B 77 -1.82 -19.57 10.16
C GLY B 77 -0.94 -18.40 10.51
N VAL B 78 0.36 -18.65 10.55
CA VAL B 78 1.35 -17.64 10.90
C VAL B 78 2.32 -17.42 9.76
N PRO B 79 2.24 -16.26 9.10
CA PRO B 79 3.13 -15.94 7.98
C PRO B 79 4.47 -15.37 8.48
N PHE B 80 4.80 -15.63 9.74
CA PHE B 80 6.03 -15.13 10.33
C PHE B 80 6.88 -16.29 10.82
N GLN B 81 8.21 -16.12 10.79
CA GLN B 81 9.15 -17.14 11.25
C GLN B 81 10.24 -16.50 12.09
N ARG B 82 10.68 -17.18 13.16
CA ARG B 82 11.73 -16.65 14.01
C ARG B 82 13.05 -16.58 13.21
N GLY B 83 13.84 -15.54 13.47
CA GLY B 83 15.09 -15.37 12.76
C GLY B 83 14.92 -14.86 11.33
N GLN B 84 13.67 -14.59 10.94
CA GLN B 84 13.35 -14.11 9.59
C GLN B 84 12.92 -12.66 9.54
N PRO B 85 13.27 -11.93 8.46
CA PRO B 85 12.91 -10.53 8.26
C PRO B 85 11.51 -10.52 7.67
N PHE B 86 10.79 -9.41 7.81
CA PHE B 86 9.45 -9.37 7.26
C PHE B 86 9.05 -7.95 6.89
N GLU B 87 8.04 -7.87 6.04
CA GLU B 87 7.50 -6.58 5.63
C GLU B 87 5.98 -6.68 5.73
N VAL B 88 5.37 -5.80 6.50
CA VAL B 88 3.92 -5.84 6.64
C VAL B 88 3.30 -4.54 6.16
N LEU B 89 2.18 -4.63 5.46
CA LEU B 89 1.46 -3.45 5.02
C LEU B 89 0.10 -3.50 5.68
N ILE B 90 -0.29 -2.43 6.36
CA ILE B 90 -1.62 -2.34 6.97
C ILE B 90 -2.26 -1.26 6.10
N ILE B 91 -3.27 -1.61 5.31
CA ILE B 91 -3.90 -0.63 4.45
C ILE B 91 -5.28 -0.30 4.94
N ALA B 92 -5.54 1.00 5.09
CA ALA B 92 -6.85 1.43 5.55
C ALA B 92 -7.74 1.72 4.35
N SER B 93 -8.92 1.12 4.35
CA SER B 93 -9.90 1.36 3.28
C SER B 93 -11.21 1.80 3.94
N ASP B 94 -12.27 1.88 3.15
CA ASP B 94 -13.55 2.30 3.71
C ASP B 94 -14.20 1.24 4.61
N ASP B 95 -13.93 -0.04 4.35
CA ASP B 95 -14.56 -1.07 5.18
C ASP B 95 -13.70 -1.79 6.22
N GLY B 96 -12.40 -1.51 6.22
CA GLY B 96 -11.55 -2.14 7.21
C GLY B 96 -10.08 -1.96 6.94
N PHE B 97 -9.27 -2.75 7.63
CA PHE B 97 -7.83 -2.70 7.46
C PHE B 97 -7.41 -3.98 6.76
N LYS B 98 -6.64 -3.85 5.68
CA LYS B 98 -6.16 -5.00 4.95
C LYS B 98 -4.75 -5.22 5.44
N ALA B 99 -4.48 -6.43 5.92
CA ALA B 99 -3.16 -6.75 6.42
C ALA B 99 -2.50 -7.56 5.32
N VAL B 100 -1.37 -7.08 4.85
CA VAL B 100 -0.61 -7.77 3.82
C VAL B 100 0.74 -8.15 4.41
N VAL B 101 1.09 -9.43 4.31
CA VAL B 101 2.36 -9.94 4.84
C VAL B 101 3.07 -10.54 3.63
N GLY B 102 4.27 -10.05 3.36
CA GLY B 102 4.99 -10.55 2.20
C GLY B 102 4.30 -10.13 0.91
N ASP B 103 4.01 -11.08 0.05
CA ASP B 103 3.38 -10.79 -1.23
C ASP B 103 1.91 -11.17 -1.25
N ALA B 104 1.29 -11.23 -0.09
CA ALA B 104 -0.11 -11.63 -0.10
C ALA B 104 -0.98 -11.02 0.98
N GLN B 105 -2.24 -10.86 0.63
CA GLN B 105 -3.23 -10.34 1.55
C GLN B 105 -3.44 -11.44 2.60
N TYR B 106 -3.19 -11.10 3.86
CA TYR B 106 -3.31 -12.05 4.95
C TYR B 106 -4.69 -12.07 5.61
N HIS B 107 -5.27 -10.89 5.85
CA HIS B 107 -6.57 -10.84 6.49
C HIS B 107 -7.20 -9.46 6.30
N HIS B 108 -8.53 -9.40 6.32
CA HIS B 108 -9.24 -8.13 6.19
C HIS B 108 -10.01 -7.91 7.48
N PHE B 109 -9.62 -6.92 8.26
CA PHE B 109 -10.27 -6.64 9.54
C PHE B 109 -11.24 -5.50 9.36
N ARG B 110 -12.53 -5.79 9.43
CA ARG B 110 -13.53 -4.74 9.26
C ARG B 110 -13.58 -3.77 10.43
N HIS B 111 -13.80 -2.49 10.12
CA HIS B 111 -13.86 -1.44 11.14
C HIS B 111 -14.85 -1.67 12.26
N ARG B 112 -14.37 -1.47 13.49
CA ARG B 112 -15.19 -1.58 14.68
C ARG B 112 -15.29 -0.18 15.29
N LEU B 113 -14.20 0.59 15.24
CA LEU B 113 -14.21 1.95 15.77
C LEU B 113 -14.04 2.91 14.60
N PRO B 114 -14.44 4.18 14.78
CA PRO B 114 -14.31 5.18 13.72
C PRO B 114 -12.88 5.42 13.32
N LEU B 115 -12.58 5.28 12.04
CA LEU B 115 -11.24 5.53 11.52
C LEU B 115 -10.73 6.91 11.97
N ALA B 116 -11.62 7.89 12.07
CA ALA B 116 -11.21 9.24 12.45
C ALA B 116 -10.70 9.37 13.90
N ARG B 117 -10.92 8.35 14.72
CA ARG B 117 -10.46 8.39 16.11
C ARG B 117 -9.02 7.89 16.25
N VAL B 118 -8.46 7.35 15.18
CA VAL B 118 -7.09 6.84 15.19
C VAL B 118 -6.06 7.99 15.33
N ARG B 119 -5.27 7.96 16.40
CA ARG B 119 -4.29 8.99 16.66
C ARG B 119 -2.86 8.52 16.77
N LEU B 120 -2.65 7.24 17.01
CA LEU B 120 -1.28 6.76 17.19
C LEU B 120 -1.01 5.34 16.73
N VAL B 121 0.22 5.08 16.29
CA VAL B 121 0.62 3.73 15.87
C VAL B 121 1.66 3.29 16.88
N GLU B 122 1.57 2.03 17.31
CA GLU B 122 2.53 1.53 18.28
C GLU B 122 2.97 0.13 17.92
N VAL B 123 4.26 -0.08 17.96
CA VAL B 123 4.82 -1.39 17.64
C VAL B 123 5.66 -1.82 18.84
N GLY B 124 5.28 -2.94 19.43
CA GLY B 124 6.00 -3.45 20.59
C GLY B 124 6.11 -4.95 20.62
N GLY B 125 6.68 -5.48 21.70
CA GLY B 125 6.84 -6.92 21.81
C GLY B 125 8.19 -7.39 21.32
N ASP B 126 8.30 -8.67 21.00
CA ASP B 126 9.57 -9.23 20.53
C ASP B 126 9.77 -9.03 19.06
N VAL B 127 10.22 -7.83 18.68
CA VAL B 127 10.45 -7.55 17.27
C VAL B 127 11.65 -6.62 17.08
N GLN B 128 12.39 -6.83 15.99
CA GLN B 128 13.55 -6.01 15.64
C GLN B 128 13.10 -5.07 14.56
N LEU B 129 12.74 -3.84 14.94
CA LEU B 129 12.23 -2.86 13.96
C LEU B 129 13.28 -2.23 13.06
N ASP B 130 13.01 -2.22 11.75
CA ASP B 130 13.91 -1.58 10.83
C ASP B 130 13.34 -0.20 10.57
N SER B 131 12.08 -0.15 10.12
CA SER B 131 11.42 1.12 9.85
C SER B 131 9.90 1.01 9.89
N VAL B 132 9.27 2.14 10.11
CA VAL B 132 7.81 2.24 10.15
C VAL B 132 7.48 3.51 9.37
N ARG B 133 6.95 3.35 8.16
CA ARG B 133 6.60 4.50 7.31
C ARG B 133 5.10 4.60 7.05
N ILE B 134 4.58 5.81 7.03
CA ILE B 134 3.16 6.01 6.76
C ILE B 134 2.99 6.78 5.44
N PHE B 135 2.27 6.18 4.49
CA PHE B 135 2.03 6.81 3.19
C PHE B 135 0.55 7.16 3.04
#